data_9AVM
#
_entry.id   9AVM
#
_cell.length_a   27.330
_cell.length_b   48.830
_cell.length_c   55.630
_cell.angle_alpha   71.41
_cell.angle_beta   79.27
_cell.angle_gamma   77.05
#
_symmetry.space_group_name_H-M   'P 1'
#
loop_
_entity.id
_entity.type
_entity.pdbx_description
1 polymer 'Caspase recruitment domain-containing protein 9'
2 water water
#
_entity_poly.entity_id   1
_entity_poly.type   'polypeptide(L)'
_entity_poly.pdbx_seq_one_letter_code
;AKHQERVQRLKEECEAGSRELKRCKEENYDLAMRLAHQSEEKGAALMRNRDLQLEIDQLK
;
_entity_poly.pdbx_strand_id   A,B,C,D
#
# COMPACT_ATOMS: atom_id res chain seq x y z
N ARG A 9 -15.52 -0.68 30.38
CA ARG A 9 -15.01 -1.84 29.65
C ARG A 9 -15.35 -1.70 28.16
N LEU A 10 -16.65 -1.66 27.84
CA LEU A 10 -17.08 -1.51 26.45
C LEU A 10 -17.26 -0.05 26.09
N LYS A 11 -17.57 0.83 27.06
CA LYS A 11 -17.71 2.26 26.83
C LYS A 11 -16.37 2.85 26.32
N GLU A 12 -15.26 2.49 27.00
CA GLU A 12 -13.91 2.96 26.62
C GLU A 12 -13.47 2.43 25.26
N GLU A 13 -13.71 1.12 24.98
CA GLU A 13 -13.36 0.52 23.69
C GLU A 13 -14.19 1.14 22.56
N CYS A 14 -15.44 1.51 22.84
CA CYS A 14 -16.31 2.10 21.85
C CYS A 14 -15.97 3.58 21.60
N GLU A 15 -15.47 4.30 22.60
CA GLU A 15 -15.01 5.68 22.41
C GLU A 15 -13.74 5.67 21.56
N ALA A 16 -12.84 4.68 21.81
CA ALA A 16 -11.58 4.52 21.09
C ALA A 16 -11.87 4.15 19.63
N GLY A 17 -12.85 3.27 19.41
CA GLY A 17 -13.27 2.87 18.07
C GLY A 17 -13.84 4.02 17.27
N SER A 18 -14.63 4.93 17.89
CA SER A 18 -15.19 6.07 17.16
C SER A 18 -14.09 7.11 16.79
N ARG A 19 -13.05 7.21 17.62
CA ARG A 19 -11.92 8.08 17.31
C ARG A 19 -11.09 7.46 16.16
N GLU A 20 -10.91 6.14 16.18
CA GLU A 20 -10.20 5.43 15.13
C GLU A 20 -10.98 5.50 13.80
N LEU A 21 -12.32 5.47 13.86
CA LEU A 21 -13.14 5.57 12.66
C LEU A 21 -12.98 6.96 12.01
N LYS A 22 -12.96 8.02 12.84
CA LYS A 22 -12.74 9.39 12.37
C LYS A 22 -11.38 9.50 11.61
N ARG A 23 -10.32 8.94 12.21
CA ARG A 23 -9.00 8.94 11.56
C ARG A 23 -8.99 8.09 10.25
N CYS A 24 -9.67 6.94 10.26
CA CYS A 24 -9.71 6.08 9.08
C CYS A 24 -10.42 6.77 7.90
N LYS A 25 -11.50 7.51 8.19
CA LYS A 25 -12.23 8.23 7.13
C LYS A 25 -11.38 9.37 6.54
N GLU A 26 -10.60 10.06 7.40
CA GLU A 26 -9.67 11.10 6.95
C GLU A 26 -8.59 10.51 6.06
N GLU A 27 -8.06 9.33 6.45
CA GLU A 27 -7.06 8.62 5.66
C GLU A 27 -7.64 8.15 4.34
N ASN A 28 -8.90 7.74 4.30
CA ASN A 28 -9.54 7.29 3.08
C ASN A 28 -9.60 8.43 2.05
N TYR A 29 -9.95 9.63 2.51
CA TYR A 29 -10.03 10.79 1.61
C TYR A 29 -8.64 11.14 1.08
N ASP A 30 -7.63 11.09 1.96
CA ASP A 30 -6.25 11.38 1.61
C ASP A 30 -5.73 10.38 0.58
N LEU A 31 -6.01 9.08 0.79
CA LEU A 31 -5.60 8.03 -0.15
C LEU A 31 -6.26 8.23 -1.51
N ALA A 32 -7.55 8.55 -1.53
CA ALA A 32 -8.25 8.78 -2.79
C ALA A 32 -7.64 9.92 -3.58
N MET A 33 -7.28 11.03 -2.91
CA MET A 33 -6.68 12.19 -3.59
C MET A 33 -5.28 11.85 -4.13
N ARG A 34 -4.50 11.10 -3.34
CA ARG A 34 -3.15 10.70 -3.74
C ARG A 34 -3.23 9.74 -4.93
N LEU A 35 -4.21 8.83 -4.93
CA LEU A 35 -4.41 7.88 -6.02
C LEU A 35 -4.76 8.60 -7.33
N ALA A 36 -5.67 9.56 -7.29
CA ALA A 36 -6.06 10.35 -8.47
C ALA A 36 -4.83 11.14 -8.99
N HIS A 37 -4.03 11.74 -8.10
CA HIS A 37 -2.83 12.48 -8.48
C HIS A 37 -1.78 11.57 -9.18
N GLN A 38 -1.50 10.40 -8.59
CA GLN A 38 -0.55 9.46 -9.18
C GLN A 38 -1.07 8.94 -10.52
N SER A 39 -2.38 8.71 -10.68
CA SER A 39 -2.93 8.23 -11.96
C SER A 39 -2.72 9.28 -13.05
N GLU A 40 -2.92 10.57 -12.72
CA GLU A 40 -2.71 11.64 -13.70
C GLU A 40 -1.22 11.69 -14.10
N GLU A 41 -0.32 11.60 -13.09
CA GLU A 41 1.12 11.63 -13.35
C GLU A 41 1.56 10.42 -14.14
N LYS A 42 0.96 9.24 -13.89
CA LYS A 42 1.30 8.01 -14.63
C LYS A 42 0.87 8.18 -16.09
N GLY A 43 -0.35 8.71 -16.30
CA GLY A 43 -0.86 8.99 -17.64
C GLY A 43 0.03 9.95 -18.40
N ALA A 44 0.51 11.01 -17.73
CA ALA A 44 1.41 11.95 -18.39
C ALA A 44 2.75 11.28 -18.79
N ALA A 45 3.31 10.46 -17.90
CA ALA A 45 4.58 9.76 -18.17
C ALA A 45 4.44 8.78 -19.31
N LEU A 46 3.31 8.06 -19.37
CA LEU A 46 3.06 7.10 -20.44
C LEU A 46 2.86 7.79 -21.76
N MET A 47 2.27 8.99 -21.79
CA MET A 47 2.08 9.74 -23.02
C MET A 47 3.44 10.17 -23.55
N ARG A 48 4.33 10.66 -22.67
CA ARG A 48 5.69 11.06 -23.04
C ARG A 48 6.44 9.85 -23.62
N ASN A 49 6.27 8.67 -23.01
CA ASN A 49 6.88 7.43 -23.46
C ASN A 49 6.45 7.05 -24.87
N ARG A 50 5.15 7.19 -25.18
CA ARG A 50 4.62 6.88 -26.51
C ARG A 50 5.24 7.79 -27.54
N ASP A 51 5.34 9.09 -27.25
CA ASP A 51 5.93 10.09 -28.15
C ASP A 51 7.40 9.80 -28.42
N LEU A 52 8.16 9.44 -27.37
CA LEU A 52 9.59 9.10 -27.51
C LEU A 52 9.76 7.83 -28.34
N GLN A 53 8.91 6.81 -28.12
CA GLN A 53 9.01 5.58 -28.88
C GLN A 53 8.75 5.82 -30.37
N LEU A 54 7.80 6.71 -30.68
CA LEU A 54 7.50 7.08 -32.05
C LEU A 54 8.70 7.76 -32.71
N GLU A 55 9.43 8.62 -31.98
CA GLU A 55 10.63 9.31 -32.48
C GLU A 55 11.73 8.32 -32.83
N ILE A 56 11.98 7.35 -31.94
CA ILE A 56 12.99 6.30 -32.10
C ILE A 56 12.71 5.43 -33.33
N ASP A 57 11.45 5.03 -33.50
CA ASP A 57 11.02 4.19 -34.63
C ASP A 57 11.25 4.87 -35.98
N GLN A 58 11.22 6.21 -36.03
CA GLN A 58 11.47 6.98 -37.25
C GLN A 58 12.97 7.09 -37.56
N LEU A 59 13.83 7.03 -36.54
CA LEU A 59 15.27 7.15 -36.74
C LEU A 59 15.94 5.79 -36.99
N LYS A 60 15.48 4.74 -36.30
CA LYS A 60 16.03 3.39 -36.44
C LYS A 60 15.44 2.67 -37.64
N ARG B 6 -31.62 3.27 26.74
CA ARG B 6 -30.42 4.01 26.34
C ARG B 6 -29.22 3.07 26.22
N VAL B 7 -29.09 2.10 27.12
CA VAL B 7 -28.00 1.10 27.15
C VAL B 7 -27.98 0.24 25.87
N GLN B 8 -29.15 -0.28 25.48
CA GLN B 8 -29.25 -1.09 24.27
C GLN B 8 -29.03 -0.26 23.00
N ARG B 9 -29.37 1.03 23.01
CA ARG B 9 -29.16 1.92 21.87
C ARG B 9 -27.66 2.16 21.63
N LEU B 10 -26.90 2.50 22.68
CA LEU B 10 -25.46 2.74 22.51
C LEU B 10 -24.69 1.46 22.19
N LYS B 11 -25.23 0.28 22.57
CA LYS B 11 -24.62 -1.01 22.25
C LYS B 11 -24.67 -1.22 20.73
N GLU B 12 -25.85 -1.00 20.12
CA GLU B 12 -26.02 -1.15 18.69
C GLU B 12 -25.14 -0.18 17.93
N GLU B 13 -25.14 1.10 18.33
CA GLU B 13 -24.35 2.17 17.69
C GLU B 13 -22.87 1.84 17.69
N CYS B 14 -22.38 1.25 18.78
CA CYS B 14 -20.99 0.84 18.94
C CYS B 14 -20.67 -0.35 18.05
N GLU B 15 -21.58 -1.33 17.97
CA GLU B 15 -21.41 -2.50 17.09
C GLU B 15 -21.35 -2.07 15.62
N ALA B 16 -22.21 -1.09 15.25
CA ALA B 16 -22.28 -0.55 13.90
C ALA B 16 -20.98 0.18 13.52
N GLY B 17 -20.42 0.92 14.48
CA GLY B 17 -19.17 1.65 14.27
C GLY B 17 -17.99 0.71 14.12
N SER B 18 -17.98 -0.39 14.89
CA SER B 18 -16.92 -1.40 14.79
C SER B 18 -16.93 -2.10 13.41
N ARG B 19 -18.13 -2.24 12.82
CA ARG B 19 -18.28 -2.83 11.51
C ARG B 19 -17.87 -1.83 10.43
N GLU B 20 -18.25 -0.55 10.59
CA GLU B 20 -17.87 0.50 9.64
C GLU B 20 -16.33 0.72 9.63
N LEU B 21 -15.70 0.61 10.80
CA LEU B 21 -14.24 0.78 10.89
C LEU B 21 -13.53 -0.36 10.15
N LYS B 22 -14.04 -1.60 10.30
CA LYS B 22 -13.50 -2.78 9.62
C LYS B 22 -13.56 -2.58 8.09
N ARG B 23 -14.69 -2.05 7.60
CA ARG B 23 -14.93 -1.78 6.19
C ARG B 23 -13.96 -0.70 5.69
N CYS B 24 -13.79 0.36 6.47
CA CYS B 24 -12.94 1.47 6.12
C CYS B 24 -11.47 1.04 6.02
N LYS B 25 -11.00 0.21 6.95
CA LYS B 25 -9.62 -0.28 6.94
C LYS B 25 -9.37 -1.16 5.74
N GLU B 26 -10.32 -2.02 5.35
CA GLU B 26 -10.21 -2.87 4.16
C GLU B 26 -10.13 -2.02 2.88
N GLU B 27 -10.96 -0.97 2.79
CA GLU B 27 -10.95 -0.07 1.65
C GLU B 27 -9.64 0.71 1.57
N ASN B 28 -9.14 1.13 2.74
CA ASN B 28 -7.90 1.89 2.80
C ASN B 28 -6.73 1.04 2.36
N TYR B 29 -6.68 -0.26 2.73
CA TYR B 29 -5.62 -1.18 2.31
C TYR B 29 -5.62 -1.33 0.80
N ASP B 30 -6.82 -1.48 0.20
CA ASP B 30 -6.97 -1.60 -1.24
C ASP B 30 -6.47 -0.34 -1.97
N LEU B 31 -6.83 0.83 -1.46
CA LEU B 31 -6.41 2.10 -2.06
C LEU B 31 -4.90 2.25 -1.95
N ALA B 32 -4.31 1.86 -0.79
CA ALA B 32 -2.86 1.94 -0.61
C ALA B 32 -2.12 1.05 -1.59
N MET B 33 -2.60 -0.17 -1.86
CA MET B 33 -1.96 -1.06 -2.82
C MET B 33 -2.08 -0.54 -4.24
N ARG B 34 -3.25 0.06 -4.59
CA ARG B 34 -3.43 0.62 -5.91
C ARG B 34 -2.55 1.88 -6.10
N LEU B 35 -2.37 2.68 -5.03
CA LEU B 35 -1.54 3.89 -5.05
C LEU B 35 -0.09 3.48 -5.27
N ALA B 36 0.35 2.44 -4.54
CA ALA B 36 1.71 1.92 -4.66
C ALA B 36 1.94 1.41 -6.11
N HIS B 37 0.97 0.74 -6.71
CA HIS B 37 1.06 0.24 -8.07
C HIS B 37 1.18 1.37 -9.10
N GLN B 38 0.31 2.38 -9.02
CA GLN B 38 0.35 3.51 -9.95
C GLN B 38 1.68 4.30 -9.86
N SER B 39 2.17 4.51 -8.61
CA SER B 39 3.45 5.21 -8.41
C SER B 39 4.61 4.41 -9.04
N GLU B 40 4.58 3.08 -8.87
CA GLU B 40 5.64 2.21 -9.41
C GLU B 40 5.59 2.28 -10.93
N GLU B 41 4.39 2.21 -11.52
CA GLU B 41 4.23 2.31 -12.97
C GLU B 41 4.69 3.63 -13.52
N LYS B 42 4.41 4.73 -12.81
CA LYS B 42 4.86 6.05 -13.24
C LYS B 42 6.40 6.10 -13.22
N GLY B 43 6.98 5.61 -12.12
CA GLY B 43 8.43 5.55 -11.97
C GLY B 43 9.11 4.76 -13.06
N ALA B 44 8.52 3.61 -13.41
CA ALA B 44 9.08 2.76 -14.45
C ALA B 44 9.04 3.48 -15.81
N ALA B 45 7.93 4.17 -16.11
CA ALA B 45 7.78 4.92 -17.35
C ALA B 45 8.79 6.06 -17.42
N LEU B 46 9.05 6.77 -16.30
CA LEU B 46 10.02 7.86 -16.31
C LEU B 46 11.45 7.35 -16.58
N MET B 47 11.77 6.16 -16.10
CA MET B 47 13.10 5.56 -16.31
C MET B 47 13.25 5.14 -17.79
N ARG B 48 12.18 4.56 -18.38
CA ARG B 48 12.21 4.21 -19.80
C ARG B 48 12.35 5.45 -20.66
N ASN B 49 11.68 6.55 -20.26
CA ASN B 49 11.76 7.83 -20.96
C ASN B 49 13.18 8.34 -21.03
N ARG B 50 13.90 8.24 -19.92
CA ARG B 50 15.28 8.70 -19.85
C ARG B 50 16.16 7.90 -20.83
N ASP B 51 16.00 6.57 -20.83
CA ASP B 51 16.74 5.66 -21.70
C ASP B 51 16.43 5.90 -23.18
N LEU B 52 15.15 6.16 -23.51
CA LEU B 52 14.75 6.44 -24.88
C LEU B 52 15.34 7.76 -25.34
N GLN B 53 15.36 8.80 -24.48
CA GLN B 53 15.92 10.08 -24.85
C GLN B 53 17.41 9.95 -25.16
N LEU B 54 18.12 9.14 -24.37
CA LEU B 54 19.55 8.89 -24.60
C LEU B 54 19.79 8.21 -25.97
N GLU B 55 18.90 7.27 -26.36
CA GLU B 55 18.98 6.55 -27.63
C GLU B 55 18.80 7.52 -28.79
N ILE B 56 17.78 8.42 -28.69
CA ILE B 56 17.46 9.41 -29.71
C ILE B 56 18.61 10.37 -29.96
N ASP B 57 19.23 10.84 -28.88
CA ASP B 57 20.36 11.77 -28.95
C ASP B 57 21.55 11.18 -29.73
N GLN B 58 21.71 9.86 -29.71
CA GLN B 58 22.78 9.18 -30.44
C GLN B 58 22.45 9.02 -31.94
N LEU B 59 21.17 8.95 -32.29
CA LEU B 59 20.74 8.74 -33.67
C LEU B 59 20.56 10.00 -34.51
N LYS B 60 20.11 11.12 -33.92
CA LYS B 60 19.83 12.32 -34.72
C LYS B 60 21.11 13.06 -35.13
N ALA C 1 -30.99 -32.22 17.40
CA ALA C 1 -29.65 -32.26 17.99
C ALA C 1 -28.74 -31.22 17.37
N LYS C 2 -28.49 -30.12 18.10
CA LYS C 2 -27.68 -29.05 17.56
C LYS C 2 -26.27 -28.98 18.11
N HIS C 3 -25.94 -29.61 19.28
CA HIS C 3 -24.57 -29.50 19.82
C HIS C 3 -23.48 -29.85 18.79
N GLN C 4 -23.61 -31.00 18.09
CA GLN C 4 -22.62 -31.38 17.08
C GLN C 4 -22.50 -30.37 15.91
N GLU C 5 -23.62 -29.74 15.56
CA GLU C 5 -23.63 -28.77 14.48
C GLU C 5 -22.99 -27.45 14.92
N ARG C 6 -23.19 -27.06 16.20
CA ARG C 6 -22.57 -25.86 16.77
C ARG C 6 -21.06 -26.09 16.81
N VAL C 7 -20.61 -27.27 17.23
CA VAL C 7 -19.19 -27.64 17.26
C VAL C 7 -18.58 -27.56 15.84
N GLN C 8 -19.28 -28.13 14.85
CA GLN C 8 -18.83 -28.08 13.47
C GLN C 8 -18.70 -26.65 12.90
N ARG C 9 -19.66 -25.73 13.19
CA ARG C 9 -19.55 -24.36 12.67
C ARG C 9 -18.40 -23.60 13.34
N LEU C 10 -18.12 -23.89 14.62
CA LEU C 10 -16.99 -23.29 15.32
C LEU C 10 -15.65 -23.76 14.73
N LYS C 11 -15.60 -25.04 14.33
CA LYS C 11 -14.45 -25.66 13.68
C LYS C 11 -14.20 -25.01 12.32
N GLU C 12 -15.27 -24.79 11.53
CA GLU C 12 -15.15 -24.12 10.23
C GLU C 12 -14.68 -22.66 10.38
N GLU C 13 -15.18 -21.95 11.40
CA GLU C 13 -14.79 -20.55 11.65
C GLU C 13 -13.32 -20.44 12.03
N CYS C 14 -12.84 -21.39 12.83
CA CYS C 14 -11.46 -21.50 13.28
C CYS C 14 -10.55 -21.81 12.10
N GLU C 15 -10.99 -22.72 11.21
CA GLU C 15 -10.23 -23.08 10.03
C GLU C 15 -10.08 -21.91 9.09
N ALA C 16 -11.13 -21.10 8.95
CA ALA C 16 -11.12 -19.91 8.10
C ALA C 16 -10.12 -18.87 8.62
N GLY C 17 -10.10 -18.69 9.95
CA GLY C 17 -9.20 -17.77 10.64
C GLY C 17 -7.75 -18.19 10.50
N SER C 18 -7.47 -19.51 10.64
CA SER C 18 -6.09 -19.98 10.48
C SER C 18 -5.61 -19.81 9.02
N ARG C 19 -6.48 -19.99 8.01
CA ARG C 19 -6.10 -19.77 6.61
C ARG C 19 -5.80 -18.29 6.38
N GLU C 20 -6.65 -17.40 6.94
CA GLU C 20 -6.46 -15.97 6.81
C GLU C 20 -5.19 -15.52 7.52
N LEU C 21 -4.84 -16.13 8.67
CA LEU C 21 -3.62 -15.78 9.39
C LEU C 21 -2.37 -16.17 8.57
N LYS C 22 -2.41 -17.36 7.95
CA LYS C 22 -1.32 -17.84 7.11
C LYS C 22 -1.07 -16.86 5.95
N ARG C 23 -2.15 -16.39 5.33
CA ARG C 23 -2.15 -15.44 4.23
C ARG C 23 -1.59 -14.09 4.67
N CYS C 24 -2.04 -13.62 5.83
CA CYS C 24 -1.62 -12.34 6.38
C CYS C 24 -0.12 -12.32 6.70
N LYS C 25 0.41 -13.41 7.28
CA LYS C 25 1.84 -13.48 7.60
C LYS C 25 2.70 -13.47 6.35
N GLU C 26 2.26 -14.19 5.30
CA GLU C 26 2.95 -14.21 4.00
C GLU C 26 2.95 -12.84 3.37
N GLU C 27 1.81 -12.13 3.43
CA GLU C 27 1.67 -10.78 2.88
C GLU C 27 2.54 -9.82 3.64
N ASN C 28 2.66 -9.97 4.96
CA ASN C 28 3.47 -9.09 5.78
C ASN C 28 4.95 -9.20 5.41
N TYR C 29 5.42 -10.43 5.15
CA TYR C 29 6.81 -10.65 4.75
C TYR C 29 7.07 -10.03 3.36
N ASP C 30 6.12 -10.19 2.43
CA ASP C 30 6.18 -9.61 1.08
C ASP C 30 6.23 -8.07 1.14
N LEU C 31 5.39 -7.46 1.99
CA LEU C 31 5.36 -6.01 2.12
C LEU C 31 6.70 -5.50 2.67
N ALA C 32 7.27 -6.20 3.66
CA ALA C 32 8.55 -5.79 4.23
C ALA C 32 9.67 -5.83 3.16
N MET C 33 9.68 -6.86 2.30
CA MET C 33 10.69 -6.98 1.24
C MET C 33 10.49 -5.90 0.17
N ARG C 34 9.23 -5.59 -0.16
CA ARG C 34 8.93 -4.54 -1.12
C ARG C 34 9.32 -3.15 -0.59
N LEU C 35 9.16 -2.93 0.71
CA LEU C 35 9.54 -1.68 1.36
C LEU C 35 11.08 -1.47 1.31
N ALA C 36 11.83 -2.53 1.60
CA ALA C 36 13.29 -2.49 1.52
C ALA C 36 13.75 -2.28 0.07
N HIS C 37 13.08 -2.91 -0.93
CA HIS C 37 13.40 -2.72 -2.35
C HIS C 37 13.18 -1.28 -2.79
N GLN C 38 12.05 -0.67 -2.41
CA GLN C 38 11.76 0.71 -2.75
C GLN C 38 12.82 1.64 -2.09
N SER C 39 13.29 1.35 -0.86
CA SER C 39 14.32 2.19 -0.23
C SER C 39 15.64 2.13 -1.04
N GLU C 40 16.02 0.94 -1.48
CA GLU C 40 17.23 0.78 -2.31
C GLU C 40 17.09 1.57 -3.63
N GLU C 41 15.93 1.43 -4.28
CA GLU C 41 15.67 2.16 -5.52
C GLU C 41 15.62 3.67 -5.31
N LYS C 42 15.08 4.12 -4.18
CA LYS C 42 15.00 5.55 -3.86
C LYS C 42 16.43 6.07 -3.62
N GLY C 43 17.25 5.30 -2.90
CA GLY C 43 18.65 5.62 -2.68
C GLY C 43 19.41 5.79 -3.99
N ALA C 44 19.16 4.89 -4.96
CA ALA C 44 19.81 4.99 -6.28
C ALA C 44 19.33 6.27 -7.03
N ALA C 45 18.03 6.58 -6.96
CA ALA C 45 17.50 7.81 -7.61
C ALA C 45 18.08 9.07 -6.98
N LEU C 46 18.26 9.09 -5.66
CA LEU C 46 18.83 10.25 -4.97
C LEU C 46 20.28 10.45 -5.33
N MET C 47 21.02 9.36 -5.59
CA MET C 47 22.41 9.46 -6.03
C MET C 47 22.44 10.07 -7.44
N ARG C 48 21.54 9.63 -8.34
CA ARG C 48 21.41 10.20 -9.69
C ARG C 48 21.14 11.71 -9.62
N ASN C 49 20.25 12.13 -8.71
CA ASN C 49 19.89 13.52 -8.45
C ASN C 49 21.11 14.35 -8.00
N ARG C 50 21.96 13.81 -7.14
CA ARG C 50 23.16 14.49 -6.68
C ARG C 50 24.12 14.73 -7.85
N ASP C 51 24.28 13.72 -8.72
CA ASP C 51 25.14 13.82 -9.92
C ASP C 51 24.62 14.86 -10.91
N LEU C 52 23.29 14.92 -11.10
CA LEU C 52 22.68 15.91 -11.99
C LEU C 52 22.86 17.31 -11.42
N GLN C 53 22.72 17.47 -10.10
CA GLN C 53 22.90 18.79 -9.48
C GLN C 53 24.36 19.27 -9.63
N LEU C 54 25.33 18.35 -9.60
CA LEU C 54 26.75 18.62 -9.82
C LEU C 54 26.92 19.20 -11.25
N GLU C 55 26.29 18.56 -12.25
CA GLU C 55 26.33 18.97 -13.65
C GLU C 55 25.76 20.38 -13.87
N ILE C 56 24.59 20.69 -13.26
CA ILE C 56 23.93 22.00 -13.39
C ILE C 56 24.82 23.11 -12.82
N ASP C 57 25.41 22.85 -11.65
CA ASP C 57 26.28 23.81 -10.98
C ASP C 57 27.50 24.21 -11.81
N GLN C 58 27.95 23.32 -12.71
CA GLN C 58 29.06 23.62 -13.63
C GLN C 58 28.58 24.45 -14.84
N LEU C 59 27.32 24.32 -15.23
CA LEU C 59 26.73 25.06 -16.35
C LEU C 59 26.23 26.46 -15.94
N LYS C 60 25.92 26.64 -14.65
CA LYS C 60 25.50 27.93 -14.13
C LYS C 60 26.72 28.64 -13.52
N ALA D 1 -15.36 -34.58 30.59
CA ALA D 1 -14.84 -35.79 29.96
C ALA D 1 -14.15 -35.45 28.59
N LYS D 2 -13.56 -36.44 27.88
CA LYS D 2 -12.80 -36.25 26.66
C LYS D 2 -13.44 -35.40 25.56
N HIS D 3 -14.70 -35.67 25.14
CA HIS D 3 -15.30 -34.85 24.07
C HIS D 3 -15.36 -33.35 24.45
N GLN D 4 -15.85 -33.03 25.67
CA GLN D 4 -15.95 -31.65 26.16
C GLN D 4 -14.58 -31.00 26.20
N GLU D 5 -13.54 -31.77 26.60
CA GLU D 5 -12.16 -31.29 26.70
C GLU D 5 -11.61 -30.93 25.32
N ARG D 6 -11.89 -31.77 24.32
CA ARG D 6 -11.43 -31.54 22.95
C ARG D 6 -12.12 -30.30 22.34
N VAL D 7 -13.41 -30.12 22.62
CA VAL D 7 -14.21 -28.95 22.17
C VAL D 7 -13.70 -27.64 22.83
N GLN D 8 -13.40 -27.70 24.12
CA GLN D 8 -12.88 -26.55 24.85
C GLN D 8 -11.49 -26.17 24.37
N ARG D 9 -10.65 -27.16 24.09
CA ARG D 9 -9.27 -26.96 23.61
C ARG D 9 -9.25 -26.30 22.24
N LEU D 10 -10.17 -26.70 21.37
CA LEU D 10 -10.29 -26.12 20.04
C LEU D 10 -10.76 -24.67 20.14
N LYS D 11 -11.67 -24.37 21.06
CA LYS D 11 -12.19 -23.03 21.34
C LYS D 11 -11.07 -22.09 21.84
N GLU D 12 -10.24 -22.57 22.78
CA GLU D 12 -9.13 -21.77 23.32
C GLU D 12 -8.10 -21.44 22.25
N GLU D 13 -7.65 -22.44 21.48
CA GLU D 13 -6.68 -22.22 20.42
C GLU D 13 -7.25 -21.34 19.28
N CYS D 14 -8.58 -21.32 19.12
CA CYS D 14 -9.26 -20.46 18.14
C CYS D 14 -9.25 -19.01 18.63
N GLU D 15 -9.52 -18.81 19.93
CA GLU D 15 -9.51 -17.48 20.54
C GLU D 15 -8.10 -16.88 20.43
N ALA D 16 -7.07 -17.71 20.66
CA ALA D 16 -5.67 -17.32 20.54
C ALA D 16 -5.33 -17.00 19.08
N GLY D 17 -5.80 -17.83 18.14
CA GLY D 17 -5.58 -17.62 16.71
C GLY D 17 -6.22 -16.35 16.20
N SER D 18 -7.40 -15.99 16.72
CA SER D 18 -8.11 -14.79 16.31
C SER D 18 -7.47 -13.49 16.88
N ARG D 19 -6.82 -13.59 18.04
CA ARG D 19 -6.09 -12.45 18.60
C ARG D 19 -4.82 -12.19 17.77
N GLU D 20 -4.14 -13.28 17.34
CA GLU D 20 -2.97 -13.17 16.49
C GLU D 20 -3.34 -12.60 15.10
N LEU D 21 -4.52 -12.97 14.58
CA LEU D 21 -4.96 -12.48 13.28
C LEU D 21 -5.23 -10.97 13.37
N LYS D 22 -5.85 -10.51 14.46
CA LYS D 22 -6.12 -9.08 14.69
C LYS D 22 -4.81 -8.28 14.70
N ARG D 23 -3.78 -8.81 15.37
CA ARG D 23 -2.46 -8.21 15.45
C ARG D 23 -1.79 -8.14 14.06
N CYS D 24 -1.88 -9.24 13.32
CA CYS D 24 -1.30 -9.34 11.99
C CYS D 24 -1.94 -8.38 11.01
N LYS D 25 -3.26 -8.22 11.06
CA LYS D 25 -3.99 -7.30 10.18
C LYS D 25 -3.62 -5.84 10.48
N GLU D 26 -3.42 -5.48 11.74
CA GLU D 26 -2.98 -4.14 12.13
C GLU D 26 -1.57 -3.87 11.58
N GLU D 27 -0.67 -4.87 11.67
CA GLU D 27 0.69 -4.74 11.15
C GLU D 27 0.69 -4.61 9.62
N ASN D 28 -0.19 -5.36 8.96
CA ASN D 28 -0.33 -5.37 7.51
C ASN D 28 -0.81 -4.00 7.03
N TYR D 29 -1.77 -3.39 7.74
CA TYR D 29 -2.28 -2.05 7.40
C TYR D 29 -1.14 -1.01 7.49
N ASP D 30 -0.35 -1.02 8.57
CA ASP D 30 0.77 -0.10 8.74
C ASP D 30 1.79 -0.25 7.62
N LEU D 31 2.14 -1.51 7.25
CA LEU D 31 3.11 -1.80 6.17
C LEU D 31 2.58 -1.29 4.81
N ALA D 32 1.28 -1.49 4.55
CA ALA D 32 0.67 -1.02 3.30
C ALA D 32 0.75 0.50 3.20
N MET D 33 0.51 1.23 4.31
CA MET D 33 0.59 2.70 4.30
C MET D 33 2.02 3.17 4.06
N ARG D 34 2.99 2.49 4.67
CA ARG D 34 4.39 2.82 4.49
C ARG D 34 4.85 2.53 3.07
N LEU D 35 4.35 1.44 2.47
CA LEU D 35 4.70 1.06 1.11
C LEU D 35 4.17 2.08 0.10
N ALA D 36 2.93 2.52 0.27
CA ALA D 36 2.33 3.54 -0.61
C ALA D 36 3.13 4.84 -0.50
N HIS D 37 3.49 5.24 0.73
CA HIS D 37 4.26 6.46 0.96
C HIS D 37 5.66 6.40 0.32
N GLN D 38 6.39 5.30 0.54
CA GLN D 38 7.72 5.14 -0.04
C GLN D 38 7.68 5.11 -1.58
N SER D 39 6.63 4.48 -2.17
CA SER D 39 6.52 4.41 -3.63
C SER D 39 6.35 5.82 -4.19
N GLU D 40 5.53 6.65 -3.52
CA GLU D 40 5.31 8.04 -3.93
C GLU D 40 6.62 8.81 -3.81
N GLU D 41 7.38 8.64 -2.71
CA GLU D 41 8.66 9.31 -2.53
C GLU D 41 9.70 8.89 -3.58
N LYS D 42 9.71 7.61 -3.98
CA LYS D 42 10.63 7.18 -5.06
C LYS D 42 10.24 7.86 -6.39
N GLY D 43 8.93 7.85 -6.66
CA GLY D 43 8.36 8.52 -7.83
C GLY D 43 8.66 10.01 -7.85
N ALA D 44 8.60 10.68 -6.71
CA ALA D 44 8.94 12.11 -6.61
C ALA D 44 10.41 12.34 -6.91
N ALA D 45 11.32 11.45 -6.46
CA ALA D 45 12.74 11.59 -6.75
C ALA D 45 13.01 11.44 -8.27
N LEU D 46 12.33 10.49 -8.91
CA LEU D 46 12.48 10.26 -10.35
C LEU D 46 11.94 11.44 -11.17
N MET D 47 10.88 12.10 -10.68
CA MET D 47 10.28 13.27 -11.33
C MET D 47 11.27 14.44 -11.17
N ARG D 48 11.90 14.61 -9.98
CA ARG D 48 12.90 15.67 -9.81
C ARG D 48 14.05 15.46 -10.80
N ASN D 49 14.50 14.22 -10.94
CA ASN D 49 15.55 13.84 -11.88
C ASN D 49 15.22 14.25 -13.34
N ARG D 50 13.98 14.03 -13.75
CA ARG D 50 13.53 14.42 -15.10
C ARG D 50 13.60 15.95 -15.24
N ASP D 51 13.15 16.70 -14.21
CA ASP D 51 13.16 18.17 -14.21
C ASP D 51 14.58 18.72 -14.27
N LEU D 52 15.50 18.10 -13.55
CA LEU D 52 16.90 18.52 -13.55
C LEU D 52 17.54 18.22 -14.92
N GLN D 53 17.25 17.06 -15.51
CA GLN D 53 17.77 16.73 -16.85
C GLN D 53 17.25 17.74 -17.89
N LEU D 54 16.01 18.21 -17.71
CA LEU D 54 15.35 19.23 -18.53
C LEU D 54 16.13 20.56 -18.42
N GLU D 55 16.48 20.99 -17.18
CA GLU D 55 17.24 22.22 -16.94
C GLU D 55 18.65 22.13 -17.56
N ILE D 56 19.26 20.94 -17.51
CA ILE D 56 20.57 20.69 -18.07
C ILE D 56 20.51 20.84 -19.60
N ASP D 57 19.46 20.29 -20.22
CA ASP D 57 19.26 20.33 -21.67
C ASP D 57 19.15 21.77 -22.18
N GLN D 58 18.47 22.63 -21.41
CA GLN D 58 18.27 24.03 -21.79
C GLN D 58 19.55 24.86 -21.66
N LEU D 59 20.45 24.48 -20.73
CA LEU D 59 21.70 25.20 -20.52
C LEU D 59 22.84 24.66 -21.39
N LYS D 60 22.80 23.39 -21.77
CA LYS D 60 23.84 22.76 -22.58
C LYS D 60 23.74 23.19 -24.05
#